data_4AU1
#
_entry.id   4AU1
#
_cell.length_a   70.550
_cell.length_b   65.710
_cell.length_c   48.050
_cell.angle_alpha   90.00
_cell.angle_beta   99.32
_cell.angle_gamma   90.00
#
_symmetry.space_group_name_H-M   'C 1 2 1'
#
loop_
_entity.id
_entity.type
_entity.pdbx_description
1 polymer 'PRECORRIN-8X METHYLMUTASE'
2 non-polymer DESMETHYL-HBA
3 non-polymer 'SULFATE ION'
4 water water
#
_entity_poly.entity_id   1
_entity_poly.type   'polypeptide(L)'
_entity_poly.pdbx_seq_one_letter_code
;MGSSHHHHHHSSGLVPRGSHMPHEYEKDGAKIYVQSFATIRAEADLARFTPEEEVVVVRMIHAAGMVGLENHVRFAPGMA
IAARAALEAGAPILCDARMVSEGITRARLPAKNEVICTLQDPRVPALAQEMGNTRSAAALELWRPKLEGAVVAIGNAPTA
LFHLLNMLEDPACPRPAAIIGCPVGFIGAAESKAALAVANPVPWVIVEGRLGGSAITVAAVNALACRKE
;
_entity_poly.pdbx_strand_id   A
#
loop_
_chem_comp.id
_chem_comp.type
_chem_comp.name
_chem_comp.formula
P8X non-polymer DESMETHYL-HBA 'C44 H58 N4 O14'
SO4 non-polymer 'SULFATE ION' 'O4 S -2'
#
# COMPACT_ATOMS: atom_id res chain seq x y z
N PRO A 22 -12.19 27.91 -27.08
CA PRO A 22 -11.45 27.19 -26.02
C PRO A 22 -11.65 25.68 -26.07
N HIS A 23 -10.75 24.94 -25.39
CA HIS A 23 -10.87 23.50 -25.30
C HIS A 23 -12.08 23.15 -24.44
N GLU A 24 -12.88 22.18 -24.90
CA GLU A 24 -14.03 21.68 -24.18
C GLU A 24 -13.61 20.37 -23.54
N TYR A 25 -14.08 20.10 -22.31
CA TYR A 25 -13.74 18.90 -21.58
C TYR A 25 -14.70 18.71 -20.41
N GLU A 26 -14.74 17.51 -19.85
CA GLU A 26 -15.59 17.20 -18.72
C GLU A 26 -14.99 17.85 -17.46
N LYS A 27 -15.82 18.63 -16.75
CA LYS A 27 -15.43 19.39 -15.56
C LYS A 27 -16.00 18.86 -14.23
N ASP A 28 -16.91 17.87 -14.28
CA ASP A 28 -17.50 17.33 -13.05
C ASP A 28 -16.65 16.16 -12.56
N GLY A 29 -15.86 16.41 -11.50
CA GLY A 29 -14.96 15.43 -10.90
C GLY A 29 -15.65 14.16 -10.41
N ALA A 30 -16.80 14.31 -9.72
CA ALA A 30 -17.53 13.14 -9.21
C ALA A 30 -17.98 12.24 -10.38
N LYS A 31 -18.43 12.84 -11.50
CA LYS A 31 -18.81 12.19 -12.74
C LYS A 31 -17.59 11.50 -13.40
N ILE A 32 -16.44 12.20 -13.47
CA ILE A 32 -15.23 11.61 -14.06
C ILE A 32 -14.88 10.30 -13.33
N TYR A 33 -14.94 10.29 -11.96
CA TYR A 33 -14.65 9.11 -11.15
C TYR A 33 -15.59 7.96 -11.54
N VAL A 34 -16.91 8.24 -11.60
CA VAL A 34 -17.89 7.22 -11.98
C VAL A 34 -17.61 6.64 -13.38
N GLN A 35 -17.31 7.52 -14.35
CA GLN A 35 -17.04 7.11 -15.70
C GLN A 35 -15.75 6.28 -15.77
N SER A 36 -14.70 6.68 -15.01
CA SER A 36 -13.44 5.97 -14.98
C SER A 36 -13.66 4.56 -14.47
N PHE A 37 -14.37 4.42 -13.34
CA PHE A 37 -14.61 3.09 -12.74
C PHE A 37 -15.45 2.21 -13.66
N ALA A 38 -16.44 2.81 -14.37
CA ALA A 38 -17.26 2.03 -15.30
C ALA A 38 -16.44 1.55 -16.50
N THR A 39 -15.53 2.40 -17.03
CA THR A 39 -14.65 2.02 -18.15
C THR A 39 -13.75 0.84 -17.70
N ILE A 40 -13.18 0.94 -16.49
CA ILE A 40 -12.32 -0.14 -15.97
C ILE A 40 -13.10 -1.45 -15.83
N ARG A 41 -14.33 -1.39 -15.27
CA ARG A 41 -15.11 -2.62 -15.08
C ARG A 41 -15.54 -3.23 -16.42
N ALA A 42 -15.72 -2.39 -17.44
CA ALA A 42 -16.09 -2.91 -18.77
C ALA A 42 -14.92 -3.57 -19.51
N GLU A 43 -13.66 -3.24 -19.18
CA GLU A 43 -12.48 -3.76 -19.87
C GLU A 43 -11.67 -4.81 -19.11
N ALA A 44 -11.65 -4.70 -17.77
CA ALA A 44 -10.79 -5.50 -16.92
C ALA A 44 -11.23 -6.94 -16.69
N ASP A 45 -10.26 -7.79 -16.31
CA ASP A 45 -10.48 -9.22 -16.06
C ASP A 45 -10.53 -9.41 -14.54
N LEU A 46 -11.69 -9.15 -13.93
CA LEU A 46 -11.81 -9.10 -12.47
C LEU A 46 -12.57 -10.23 -11.78
N ALA A 47 -13.01 -11.24 -12.54
CA ALA A 47 -13.83 -12.33 -12.01
C ALA A 47 -13.30 -13.09 -10.80
N ARG A 48 -11.96 -13.25 -10.71
CA ARG A 48 -11.38 -14.05 -9.62
C ARG A 48 -11.40 -13.37 -8.26
N PHE A 49 -11.66 -12.05 -8.24
CA PHE A 49 -11.60 -11.33 -6.99
C PHE A 49 -12.91 -11.37 -6.26
N THR A 50 -12.83 -11.47 -4.92
CA THR A 50 -14.03 -11.40 -4.09
C THR A 50 -14.58 -9.97 -4.19
N PRO A 51 -15.84 -9.69 -3.78
CA PRO A 51 -16.34 -8.31 -3.86
C PRO A 51 -15.45 -7.29 -3.12
N GLU A 52 -14.89 -7.65 -1.94
CA GLU A 52 -14.04 -6.74 -1.18
C GLU A 52 -12.71 -6.49 -1.88
N GLU A 53 -12.17 -7.53 -2.53
CA GLU A 53 -10.91 -7.40 -3.27
C GLU A 53 -11.11 -6.62 -4.57
N GLU A 54 -12.24 -6.87 -5.25
CA GLU A 54 -12.54 -6.23 -6.54
C GLU A 54 -12.52 -4.69 -6.44
N VAL A 55 -13.09 -4.13 -5.37
CA VAL A 55 -13.12 -2.66 -5.23
C VAL A 55 -11.70 -2.10 -5.10
N VAL A 56 -10.82 -2.84 -4.42
CA VAL A 56 -9.43 -2.39 -4.26
C VAL A 56 -8.73 -2.45 -5.62
N VAL A 57 -8.92 -3.56 -6.37
CA VAL A 57 -8.25 -3.71 -7.66
C VAL A 57 -8.70 -2.62 -8.62
N VAL A 58 -10.02 -2.34 -8.67
CA VAL A 58 -10.50 -1.29 -9.55
C VAL A 58 -9.81 0.06 -9.23
N ARG A 59 -9.67 0.39 -7.93
CA ARG A 59 -9.06 1.68 -7.60
C ARG A 59 -7.56 1.69 -7.99
N MET A 60 -6.87 0.53 -7.84
CA MET A 60 -5.46 0.43 -8.23
C MET A 60 -5.33 0.64 -9.73
N ILE A 61 -6.23 0.01 -10.56
CA ILE A 61 -6.17 0.16 -12.02
C ILE A 61 -6.37 1.63 -12.36
N HIS A 62 -7.38 2.27 -11.69
CA HIS A 62 -7.68 3.68 -11.87
C HIS A 62 -6.44 4.55 -11.64
N ALA A 63 -5.72 4.30 -10.53
CA ALA A 63 -4.52 5.09 -10.21
C ALA A 63 -3.41 4.92 -11.24
N ALA A 64 -3.27 3.69 -11.79
CA ALA A 64 -2.22 3.36 -12.73
C ALA A 64 -2.54 3.74 -14.17
N GLY A 65 -3.82 3.93 -14.50
CA GLY A 65 -4.23 4.15 -15.89
C GLY A 65 -3.94 2.92 -16.74
N MET A 66 -4.03 1.72 -16.16
CA MET A 66 -3.59 0.54 -16.84
C MET A 66 -4.48 -0.67 -16.61
N VAL A 67 -5.42 -0.91 -17.53
CA VAL A 67 -6.15 -2.17 -17.49
C VAL A 67 -5.06 -3.19 -17.88
N GLY A 68 -5.04 -4.27 -17.16
CA GLY A 68 -4.01 -5.29 -17.33
C GLY A 68 -3.26 -5.43 -16.02
N LEU A 69 -3.22 -4.32 -15.23
CA LEU A 69 -2.58 -4.38 -13.90
C LEU A 69 -3.19 -5.52 -13.07
N GLU A 70 -4.50 -5.77 -13.24
CA GLU A 70 -5.18 -6.80 -12.43
C GLU A 70 -4.59 -8.19 -12.58
N ASN A 71 -3.94 -8.47 -13.71
CA ASN A 71 -3.33 -9.80 -13.87
C ASN A 71 -2.16 -10.00 -12.92
N HIS A 72 -1.66 -8.92 -12.29
CA HIS A 72 -0.51 -9.00 -11.39
C HIS A 72 -0.86 -8.93 -9.91
N VAL A 73 -2.12 -8.63 -9.60
CA VAL A 73 -2.54 -8.43 -8.22
C VAL A 73 -2.84 -9.74 -7.53
N ARG A 74 -2.30 -9.88 -6.31
CA ARG A 74 -2.52 -11.07 -5.49
C ARG A 74 -2.84 -10.65 -4.07
N PHE A 75 -3.88 -11.26 -3.46
CA PHE A 75 -4.24 -10.99 -2.06
C PHE A 75 -4.14 -12.26 -1.26
N ALA A 76 -3.77 -12.13 0.03
CA ALA A 76 -3.93 -13.25 0.92
C ALA A 76 -5.43 -13.33 1.16
N PRO A 77 -5.98 -14.55 1.29
CA PRO A 77 -7.42 -14.68 1.62
C PRO A 77 -7.77 -13.88 2.88
N GLY A 78 -8.81 -13.07 2.81
CA GLY A 78 -9.29 -12.26 3.94
C GLY A 78 -8.57 -10.95 4.17
N MET A 79 -7.48 -10.66 3.42
CA MET A 79 -6.76 -9.41 3.64
C MET A 79 -7.63 -8.15 3.51
N ALA A 80 -8.41 -8.04 2.41
CA ALA A 80 -9.19 -6.81 2.21
C ALA A 80 -10.19 -6.59 3.33
N ILE A 81 -10.82 -7.67 3.83
CA ILE A 81 -11.76 -7.55 4.95
C ILE A 81 -11.00 -7.15 6.22
N ALA A 82 -9.84 -7.78 6.47
CA ALA A 82 -9.06 -7.49 7.68
C ALA A 82 -8.51 -6.06 7.71
N ALA A 83 -7.99 -5.58 6.57
CA ALA A 83 -7.41 -4.23 6.51
C ALA A 83 -8.50 -3.18 6.66
N ARG A 84 -9.69 -3.37 6.04
CA ARG A 84 -10.78 -2.40 6.25
C ARG A 84 -11.19 -2.36 7.73
N ALA A 85 -11.30 -3.55 8.37
CA ALA A 85 -11.65 -3.58 9.79
C ALA A 85 -10.62 -2.88 10.68
N ALA A 86 -9.32 -3.03 10.35
CA ALA A 86 -8.29 -2.36 11.13
C ALA A 86 -8.42 -0.83 10.97
N LEU A 87 -8.66 -0.34 9.74
CA LEU A 87 -8.80 1.11 9.53
C LEU A 87 -10.04 1.61 10.24
N GLU A 88 -11.14 0.85 10.22
CA GLU A 88 -12.36 1.30 10.92
C GLU A 88 -12.19 1.33 12.44
N ALA A 89 -11.23 0.55 12.95
CA ALA A 89 -10.91 0.47 14.37
C ALA A 89 -9.88 1.55 14.79
N GLY A 90 -9.46 2.40 13.85
CA GLY A 90 -8.54 3.49 14.09
C GLY A 90 -7.07 3.20 13.87
N ALA A 91 -6.74 2.09 13.19
CA ALA A 91 -5.34 1.74 12.95
C ALA A 91 -4.57 2.86 12.23
N PRO A 92 -3.30 3.11 12.63
CA PRO A 92 -2.50 4.07 11.86
C PRO A 92 -2.05 3.42 10.55
N ILE A 93 -1.66 4.26 9.59
CA ILE A 93 -1.19 3.82 8.29
C ILE A 93 0.27 4.22 8.23
N LEU A 94 1.17 3.23 8.11
CA LEU A 94 2.62 3.45 8.12
C LEU A 94 3.11 3.38 6.68
N CYS A 95 3.74 4.46 6.21
CA CYS A 95 4.08 4.66 4.79
C CYS A 95 5.56 4.74 4.60
N ASP A 96 6.08 4.08 3.55
CA ASP A 96 7.53 4.11 3.32
C ASP A 96 8.05 5.41 2.73
N ALA A 97 7.18 6.19 2.09
CA ALA A 97 7.58 7.42 1.40
C ALA A 97 6.53 8.50 1.54
N ARG A 98 6.96 9.78 1.42
CA ARG A 98 6.06 10.92 1.49
C ARG A 98 5.03 10.93 0.38
N MET A 99 5.37 10.42 -0.81
N MET A 99 5.36 10.34 -0.80
CA MET A 99 4.38 10.39 -1.88
CA MET A 99 4.42 10.25 -1.95
C MET A 99 3.19 9.53 -1.46
C MET A 99 3.27 9.29 -1.68
N VAL A 100 3.43 8.49 -0.63
CA VAL A 100 2.37 7.61 -0.15
C VAL A 100 1.61 8.36 0.95
N SER A 101 2.29 8.83 2.01
CA SER A 101 1.59 9.49 3.10
C SER A 101 0.79 10.69 2.64
N GLU A 102 1.36 11.48 1.69
CA GLU A 102 0.69 12.70 1.21
C GLU A 102 -0.45 12.42 0.23
N GLY A 103 -0.48 11.23 -0.33
CA GLY A 103 -1.52 10.80 -1.25
C GLY A 103 -2.80 10.30 -0.62
N ILE A 104 -2.69 9.82 0.62
CA ILE A 104 -3.86 9.28 1.29
C ILE A 104 -4.85 10.39 1.50
N THR A 105 -6.11 10.13 1.14
CA THR A 105 -7.17 11.13 1.21
C THR A 105 -7.71 11.16 2.66
N ARG A 106 -7.40 12.23 3.38
CA ARG A 106 -7.82 12.38 4.78
C ARG A 106 -9.34 12.28 4.94
N ALA A 107 -10.10 12.83 3.97
CA ALA A 107 -11.58 12.82 3.97
C ALA A 107 -12.19 11.39 3.88
N ARG A 108 -11.44 10.44 3.37
CA ARG A 108 -11.89 9.05 3.23
C ARG A 108 -11.55 8.25 4.50
N LEU A 109 -10.75 8.81 5.43
CA LEU A 109 -10.36 8.07 6.63
C LEU A 109 -11.52 7.87 7.59
N PRO A 110 -11.79 6.62 8.02
CA PRO A 110 -12.99 6.38 8.83
C PRO A 110 -12.90 6.72 10.32
N ALA A 111 -11.69 6.73 10.87
CA ALA A 111 -11.52 6.87 12.31
C ALA A 111 -10.31 7.72 12.71
N LYS A 112 -10.18 8.90 12.07
CA LYS A 112 -9.13 9.90 12.36
C LYS A 112 -7.75 9.22 12.38
N ASN A 113 -7.55 8.28 11.45
CA ASN A 113 -6.35 7.46 11.41
C ASN A 113 -5.13 8.31 11.20
N GLU A 114 -4.06 8.05 11.98
CA GLU A 114 -2.81 8.78 11.80
C GLU A 114 -2.15 8.23 10.56
N VAL A 115 -1.56 9.09 9.72
CA VAL A 115 -0.82 8.70 8.53
C VAL A 115 0.62 9.08 8.81
N ILE A 116 1.49 8.07 8.91
CA ILE A 116 2.85 8.28 9.33
C ILE A 116 3.86 7.92 8.28
N CYS A 117 4.92 8.73 8.20
CA CYS A 117 6.08 8.44 7.36
C CYS A 117 7.28 8.91 8.17
N THR A 118 8.24 8.02 8.47
CA THR A 118 9.40 8.38 9.28
C THR A 118 10.67 8.58 8.46
N LEU A 119 10.55 8.51 7.13
CA LEU A 119 11.68 8.63 6.24
C LEU A 119 12.52 9.86 6.46
N GLN A 120 11.88 11.02 6.72
CA GLN A 120 12.57 12.31 6.87
C GLN A 120 12.98 12.60 8.31
N ASP A 121 12.80 11.64 9.23
CA ASP A 121 13.23 11.88 10.60
C ASP A 121 14.74 12.16 10.60
N PRO A 122 15.21 13.19 11.34
CA PRO A 122 16.64 13.53 11.28
C PRO A 122 17.61 12.46 11.75
N ARG A 123 17.13 11.43 12.48
CA ARG A 123 17.98 10.34 12.97
C ARG A 123 18.20 9.26 11.90
N VAL A 124 17.41 9.28 10.80
CA VAL A 124 17.43 8.23 9.76
C VAL A 124 18.76 8.12 8.99
N PRO A 125 19.38 9.24 8.53
CA PRO A 125 20.62 9.09 7.76
C PRO A 125 21.71 8.35 8.55
N ALA A 126 21.92 8.69 9.84
CA ALA A 126 22.96 8.02 10.62
C ALA A 126 22.58 6.59 10.98
N LEU A 127 21.29 6.34 11.21
CA LEU A 127 20.84 4.99 11.52
C LEU A 127 21.06 4.07 10.32
N ALA A 128 20.80 4.57 9.11
CA ALA A 128 21.01 3.81 7.87
C ALA A 128 22.47 3.50 7.71
N GLN A 129 23.35 4.48 8.02
CA GLN A 129 24.79 4.26 7.95
C GLN A 129 25.22 3.18 8.96
N GLU A 130 24.72 3.26 10.22
CA GLU A 130 25.04 2.26 11.25
C GLU A 130 24.55 0.85 10.89
N MET A 131 23.36 0.78 10.27
CA MET A 131 22.74 -0.50 9.90
C MET A 131 23.30 -1.08 8.61
N GLY A 132 23.97 -0.24 7.82
CA GLY A 132 24.47 -0.66 6.50
C GLY A 132 23.30 -0.92 5.57
N ASN A 133 22.26 -0.08 5.67
CA ASN A 133 21.07 -0.28 4.86
C ASN A 133 20.61 1.06 4.26
N THR A 134 19.52 1.06 3.49
CA THR A 134 18.99 2.27 2.91
C THR A 134 18.28 3.09 3.99
N ARG A 135 18.06 4.40 3.70
N ARG A 135 18.08 4.40 3.71
CA ARG A 135 17.29 5.28 4.57
CA ARG A 135 17.29 5.25 4.60
C ARG A 135 15.84 4.80 4.65
C ARG A 135 15.85 4.73 4.67
N SER A 136 15.29 4.27 3.52
CA SER A 136 13.91 3.74 3.49
C SER A 136 13.75 2.57 4.45
N ALA A 137 14.73 1.65 4.52
CA ALA A 137 14.63 0.52 5.43
C ALA A 137 14.86 0.94 6.86
N ALA A 138 15.91 1.77 7.10
CA ALA A 138 16.24 2.17 8.47
C ALA A 138 15.07 2.92 9.12
N ALA A 139 14.33 3.71 8.35
CA ALA A 139 13.20 4.46 8.90
C ALA A 139 12.12 3.55 9.51
N LEU A 140 12.00 2.30 9.03
CA LEU A 140 11.04 1.36 9.58
C LEU A 140 11.29 1.04 11.03
N GLU A 141 12.55 1.20 11.52
CA GLU A 141 12.80 0.94 12.95
C GLU A 141 11.97 1.89 13.83
N LEU A 142 11.77 3.11 13.33
CA LEU A 142 10.95 4.11 14.03
C LEU A 142 9.45 3.81 13.98
N TRP A 143 9.02 2.79 13.16
CA TRP A 143 7.61 2.43 13.16
C TRP A 143 7.24 1.57 14.37
N ARG A 144 8.25 1.00 15.07
CA ARG A 144 7.95 0.07 16.17
C ARG A 144 6.84 0.46 17.12
N PRO A 145 6.83 1.71 17.63
CA PRO A 145 5.75 2.09 18.57
C PRO A 145 4.34 2.15 17.99
N LYS A 146 4.20 2.21 16.64
CA LYS A 146 2.88 2.29 16.01
C LYS A 146 2.57 1.02 15.21
N LEU A 147 3.51 0.06 15.14
CA LEU A 147 3.36 -1.10 14.26
C LEU A 147 2.27 -2.10 14.65
N GLU A 148 2.04 -2.34 15.97
CA GLU A 148 1.03 -3.32 16.36
C GLU A 148 -0.38 -2.89 15.87
N GLY A 149 -0.96 -3.73 15.02
CA GLY A 149 -2.28 -3.47 14.44
C GLY A 149 -2.31 -2.44 13.33
N ALA A 150 -1.14 -1.93 12.90
CA ALA A 150 -1.11 -0.92 11.85
C ALA A 150 -1.43 -1.49 10.46
N VAL A 151 -1.77 -0.59 9.52
CA VAL A 151 -1.88 -0.96 8.10
C VAL A 151 -0.62 -0.41 7.48
N VAL A 152 0.24 -1.30 6.95
CA VAL A 152 1.50 -0.88 6.33
C VAL A 152 1.26 -0.62 4.85
N ALA A 153 1.83 0.47 4.33
CA ALA A 153 1.67 0.86 2.93
C ALA A 153 3.06 1.15 2.38
N ILE A 154 3.63 0.14 1.68
CA ILE A 154 4.97 0.26 1.07
C ILE A 154 4.80 0.33 -0.43
N GLY A 155 5.00 1.51 -0.99
CA GLY A 155 4.84 1.70 -2.43
C GLY A 155 6.08 2.01 -3.21
N ASN A 156 7.18 2.19 -2.51
N ASN A 156 7.20 2.17 -2.52
CA ASN A 156 8.37 2.56 -3.17
CA ASN A 156 8.41 2.59 -3.20
C ASN A 156 9.43 1.50 -3.03
C ASN A 156 9.54 1.61 -3.05
N ALA A 157 10.00 1.40 -1.82
CA ALA A 157 11.20 0.71 -1.46
C ALA A 157 11.20 -0.79 -1.23
N PRO A 158 11.76 -1.58 -2.18
CA PRO A 158 11.89 -3.02 -1.92
C PRO A 158 12.71 -3.30 -0.66
N THR A 159 13.72 -2.46 -0.36
CA THR A 159 14.52 -2.72 0.86
C THR A 159 13.67 -2.54 2.13
N ALA A 160 12.65 -1.63 2.09
CA ALA A 160 11.76 -1.48 3.26
C ALA A 160 10.93 -2.75 3.43
N LEU A 161 10.43 -3.32 2.32
CA LEU A 161 9.62 -4.53 2.43
C LEU A 161 10.48 -5.71 2.92
N PHE A 162 11.69 -5.89 2.35
CA PHE A 162 12.55 -6.98 2.81
C PHE A 162 12.93 -6.78 4.28
N HIS A 163 13.25 -5.53 4.66
CA HIS A 163 13.63 -5.30 6.05
C HIS A 163 12.47 -5.58 7.01
N LEU A 164 11.23 -5.20 6.61
CA LEU A 164 10.06 -5.47 7.45
C LEU A 164 9.90 -6.99 7.63
N LEU A 165 10.09 -7.78 6.55
CA LEU A 165 9.99 -9.24 6.70
C LEU A 165 11.00 -9.75 7.73
N ASN A 166 12.26 -9.24 7.71
CA ASN A 166 13.26 -9.66 8.69
C ASN A 166 12.90 -9.18 10.08
N MET A 167 12.33 -7.98 10.23
CA MET A 167 11.94 -7.50 11.57
C MET A 167 10.89 -8.44 12.14
N LEU A 168 9.92 -8.89 11.30
CA LEU A 168 8.80 -9.74 11.74
C LEU A 168 9.20 -11.19 11.99
N GLU A 169 10.45 -11.57 11.70
CA GLU A 169 10.94 -12.92 12.03
C GLU A 169 11.27 -12.99 13.53
N ASP A 170 11.36 -11.83 14.20
CA ASP A 170 11.62 -11.80 15.65
C ASP A 170 10.25 -11.76 16.34
N PRO A 171 9.91 -12.75 17.21
CA PRO A 171 8.59 -12.74 17.88
C PRO A 171 8.35 -11.54 18.79
N ALA A 172 9.42 -10.82 19.17
CA ALA A 172 9.30 -9.63 20.02
C ALA A 172 8.80 -8.42 19.21
N CYS A 173 8.92 -8.46 17.88
CA CYS A 173 8.51 -7.33 17.06
C CYS A 173 6.98 -7.15 17.05
N PRO A 174 6.47 -5.91 17.26
CA PRO A 174 5.02 -5.66 17.07
C PRO A 174 4.63 -6.05 15.65
N ARG A 175 3.39 -6.54 15.48
CA ARG A 175 2.96 -7.04 14.17
C ARG A 175 1.78 -6.25 13.62
N PRO A 176 1.89 -5.82 12.35
CA PRO A 176 0.80 -5.04 11.75
C PRO A 176 -0.44 -5.89 11.46
N ALA A 177 -1.60 -5.25 11.24
CA ALA A 177 -2.85 -5.93 10.89
C ALA A 177 -2.82 -6.35 9.42
N ALA A 178 -2.10 -5.60 8.57
CA ALA A 178 -2.06 -5.89 7.14
C ALA A 178 -0.87 -5.21 6.50
N ILE A 179 -0.40 -5.76 5.36
CA ILE A 179 0.68 -5.14 4.60
C ILE A 179 0.24 -4.98 3.15
N ILE A 180 0.26 -3.73 2.65
CA ILE A 180 0.06 -3.42 1.24
C ILE A 180 1.50 -3.34 0.75
N GLY A 181 1.96 -4.43 0.12
CA GLY A 181 3.35 -4.52 -0.31
C GLY A 181 3.47 -4.33 -1.80
N CYS A 182 3.53 -3.06 -2.23
CA CYS A 182 3.54 -2.74 -3.63
C CYS A 182 4.75 -1.91 -4.08
N PRO A 183 5.99 -2.22 -3.64
CA PRO A 183 7.13 -1.46 -4.17
C PRO A 183 7.29 -1.72 -5.66
N VAL A 184 7.78 -0.73 -6.38
CA VAL A 184 7.96 -0.77 -7.83
C VAL A 184 9.44 -0.95 -8.13
N GLY A 185 9.76 -1.43 -9.31
CA GLY A 185 11.17 -1.39 -9.68
C GLY A 185 11.73 -2.57 -10.39
N PHE A 186 13.00 -2.38 -10.76
CA PHE A 186 13.73 -3.37 -11.52
C PHE A 186 14.65 -4.23 -10.67
N ILE A 187 15.07 -3.67 -9.52
CA ILE A 187 16.04 -4.33 -8.64
C ILE A 187 15.40 -4.59 -7.28
N GLY A 188 15.20 -5.85 -6.99
CA GLY A 188 14.65 -6.28 -5.70
C GLY A 188 13.15 -6.17 -5.53
N ALA A 189 12.44 -5.38 -6.37
CA ALA A 189 11.01 -5.22 -6.14
C ALA A 189 10.22 -6.52 -6.26
N ALA A 190 10.31 -7.19 -7.41
CA ALA A 190 9.57 -8.43 -7.63
C ALA A 190 9.92 -9.45 -6.53
N GLU A 191 11.20 -9.56 -6.18
CA GLU A 191 11.64 -10.51 -5.17
C GLU A 191 11.08 -10.16 -3.80
N SER A 192 11.04 -8.88 -3.43
CA SER A 192 10.52 -8.54 -2.10
C SER A 192 9.04 -8.92 -1.97
N LYS A 193 8.26 -8.70 -3.03
CA LYS A 193 6.83 -9.00 -2.98
C LYS A 193 6.59 -10.50 -3.04
N ALA A 194 7.36 -11.25 -3.86
CA ALA A 194 7.19 -12.69 -3.87
C ALA A 194 7.56 -13.25 -2.47
N ALA A 195 8.59 -12.68 -1.82
CA ALA A 195 9.00 -13.13 -0.48
C ALA A 195 7.91 -12.81 0.57
N LEU A 196 7.22 -11.66 0.43
CA LEU A 196 6.15 -11.35 1.36
C LEU A 196 5.03 -12.39 1.27
N ALA A 197 4.63 -12.77 0.02
CA ALA A 197 3.56 -13.74 -0.15
C ALA A 197 3.97 -15.12 0.39
N VAL A 198 5.23 -15.54 0.16
CA VAL A 198 5.70 -16.84 0.69
C VAL A 198 5.73 -16.80 2.24
N ALA A 199 6.26 -15.70 2.82
CA ALA A 199 6.38 -15.63 4.29
C ALA A 199 5.01 -15.58 4.98
N ASN A 200 4.04 -14.93 4.31
CA ASN A 200 2.66 -14.78 4.80
C ASN A 200 2.68 -14.33 6.29
N PRO A 201 3.41 -13.23 6.65
CA PRO A 201 3.54 -12.88 8.07
C PRO A 201 2.23 -12.41 8.70
N VAL A 202 1.50 -11.63 7.94
CA VAL A 202 0.21 -11.04 8.28
C VAL A 202 -0.54 -10.92 6.92
N PRO A 203 -1.87 -10.65 6.92
CA PRO A 203 -2.59 -10.49 5.64
C PRO A 203 -1.93 -9.45 4.73
N TRP A 204 -1.82 -9.79 3.43
CA TRP A 204 -1.08 -8.97 2.49
C TRP A 204 -1.77 -8.84 1.16
N VAL A 205 -1.35 -7.82 0.42
CA VAL A 205 -1.69 -7.68 -0.99
C VAL A 205 -0.41 -7.22 -1.70
N ILE A 206 -0.18 -7.74 -2.91
CA ILE A 206 0.98 -7.34 -3.70
C ILE A 206 0.58 -7.14 -5.15
N VAL A 207 1.42 -6.43 -5.87
CA VAL A 207 1.41 -6.38 -7.33
C VAL A 207 2.67 -7.18 -7.72
N GLU A 208 2.51 -8.40 -8.26
CA GLU A 208 3.66 -9.21 -8.62
C GLU A 208 4.47 -8.55 -9.75
N GLY A 209 5.78 -8.71 -9.73
CA GLY A 209 6.63 -8.20 -10.80
C GLY A 209 7.24 -6.84 -10.54
N ARG A 210 7.50 -6.11 -11.64
CA ARG A 210 8.13 -4.79 -11.53
C ARG A 210 7.16 -3.68 -11.24
N LEU A 211 5.86 -3.87 -11.54
CA LEU A 211 4.90 -2.80 -11.35
C LEU A 211 4.56 -2.58 -9.88
N GLY A 212 4.07 -1.39 -9.56
CA GLY A 212 3.69 -1.04 -8.19
C GLY A 212 3.75 0.46 -8.06
N GLY A 213 4.22 0.95 -6.93
CA GLY A 213 4.41 2.37 -6.79
C GLY A 213 3.47 3.06 -5.81
N SER A 214 3.77 4.32 -5.55
CA SER A 214 3.01 5.13 -4.59
CA SER A 214 3.01 5.11 -4.57
C SER A 214 1.55 5.29 -4.96
N ALA A 215 1.26 5.56 -6.25
CA ALA A 215 -0.14 5.78 -6.63
C ALA A 215 -1.01 4.53 -6.44
N ILE A 216 -0.49 3.36 -6.86
CA ILE A 216 -1.22 2.11 -6.68
C ILE A 216 -1.41 1.82 -5.18
N THR A 217 -0.34 2.07 -4.39
CA THR A 217 -0.41 1.82 -2.94
C THR A 217 -1.44 2.71 -2.24
N VAL A 218 -1.41 4.00 -2.56
CA VAL A 218 -2.37 4.97 -2.05
C VAL A 218 -3.79 4.58 -2.43
N ALA A 219 -3.98 4.18 -3.71
CA ALA A 219 -5.33 3.76 -4.14
C ALA A 219 -5.82 2.57 -3.29
N ALA A 220 -4.91 1.61 -2.97
CA ALA A 220 -5.35 0.48 -2.13
C ALA A 220 -5.79 0.97 -0.74
N VAL A 221 -5.00 1.88 -0.14
CA VAL A 221 -5.39 2.41 1.18
C VAL A 221 -6.74 3.15 1.07
N ASN A 222 -6.86 4.08 0.08
CA ASN A 222 -8.09 4.85 -0.06
C ASN A 222 -9.30 3.94 -0.31
N ALA A 223 -9.14 2.84 -1.08
CA ALA A 223 -10.25 1.91 -1.32
C ALA A 223 -10.67 1.22 -0.02
N LEU A 224 -9.69 0.80 0.78
CA LEU A 224 -9.99 0.10 2.03
C LEU A 224 -10.50 1.02 3.13
N ALA A 225 -10.21 2.31 3.05
CA ALA A 225 -10.58 3.27 4.12
C ALA A 225 -12.05 3.57 4.17
N CYS A 226 -12.69 3.72 3.01
CA CYS A 226 -14.09 4.14 2.92
C CYS A 226 -14.91 3.18 2.07
N ARG A 227 -16.16 2.89 2.48
CA ARG A 227 -17.03 1.94 1.77
C ARG A 227 -17.63 2.49 0.46
N LYS A 228 -17.55 3.81 0.27
CA LYS A 228 -18.03 4.50 -0.91
C LYS A 228 -16.86 4.68 -1.90
N GLU A 229 -17.00 4.17 -3.14
CA GLU A 229 -15.98 4.30 -4.19
C GLU A 229 -15.83 5.79 -4.51
C1 P8X B . -7.70 14.06 -7.00
C2 P8X B . -7.59 14.48 -5.47
C3 P8X B . -6.34 13.67 -4.97
C4 P8X B . -6.32 12.43 -5.89
C5 P8X B . -5.76 11.19 -5.67
C6 P8X B . -5.72 10.15 -6.69
C7 P8X B . -5.15 8.71 -6.62
C8 P8X B . -4.47 8.64 -8.04
C9 P8X B . -5.51 9.48 -8.82
C10 P8X B . -5.81 9.41 -10.12
C11 P8X B . -6.92 10.12 -10.77
C12 P8X B . -7.08 10.18 -12.27
C13 P8X B . -8.35 10.99 -12.42
C14 P8X B . -8.72 11.32 -11.17
C15 P8X B . -9.96 12.13 -10.80
C16 P8X B . -9.87 13.11 -9.63
C17 P8X B . -10.62 14.45 -9.45
C18 P8X B . -9.78 15.15 -8.37
C19 P8X B . -9.15 13.92 -7.62
C20 P8X B . -6.77 14.86 -7.97
N21 P8X B . -7.08 12.74 -6.98
N22 P8X B . -6.00 10.44 -7.95
N23 P8X B . -7.90 10.80 -10.18
N24 P8X B . -9.12 12.86 -8.65
C25 P8X B . -7.46 16.01 -5.31
C26 P8X B . -8.82 13.99 -4.63
C27 P8X B . -8.71 14.16 -3.13
O28 P8X B . -8.22 13.32 -2.42
O29 P8X B . -9.17 15.29 -2.67
C30 P8X B . -4.98 14.40 -4.99
C31 P8X B . -4.72 15.28 -3.76
C32 P8X B . -3.35 15.89 -3.69
O33 P8X B . -3.32 17.01 -3.06
O34 P8X B . -2.38 15.37 -4.13
C36 P8X B . -4.17 8.45 -5.45
C37 P8X B . -6.23 7.60 -6.65
C38 P8X B . -7.13 7.60 -5.45
O39 P8X B . -7.02 6.74 -4.60
O40 P8X B . -8.05 8.55 -5.46
C41 P8X B . -3.08 9.30 -8.10
C42 P8X B . -2.38 9.19 -9.45
C43 P8X B . -0.91 9.47 -9.34
O44 P8X B . -0.43 10.16 -8.47
O45 P8X B . -0.20 8.89 -10.22
C46 P8X B . -6.98 8.78 -12.91
C47 P8X B . -6.04 11.14 -12.88
C48 P8X B . -8.96 11.44 -13.74
C49 P8X B . -9.13 10.42 -14.85
C50 P8X B . -9.87 9.19 -14.43
O51 P8X B . -10.67 9.20 -13.52
O52 P8X B . -9.55 8.11 -15.11
C54 P8X B . -12.05 14.11 -9.00
C55 P8X B . -10.71 15.29 -10.75
C56 P8X B . -9.36 15.43 -11.46
C57 P8X B . -9.42 15.50 -12.97
O58 P8X B . -8.77 16.33 -13.54
O59 P8X B . -10.11 14.55 -13.58
C60 P8X B . -10.54 16.07 -7.40
C61 P8X B . -10.79 17.45 -7.95
O62 P8X B . -11.85 18.02 -7.87
O63 P8X B . -9.76 17.98 -8.48
C64 P8X B . -11.13 11.17 -10.75
H5 P8X B . -5.33 10.96 -4.69
H8 P8X B . -4.41 7.62 -8.41
H20 P8X B . -6.97 14.58 -9.01
H30 P8X B . -4.21 13.63 -4.98
H60 P8X B . -11.50 15.67 -7.05
H20A P8X B . -6.89 15.94 -7.92
H30A P8X B . -4.81 14.95 -5.91
H60A P8X B . -9.99 16.16 -6.46
H20B P8X B . -5.71 14.64 -7.83
H10 P8X B . -5.16 8.83 -10.77
H31 P8X B . -5.47 16.07 -3.65
H41 P8X B . -3.13 10.33 -7.80
H31A P8X B . -4.84 14.69 -2.85
H41A P8X B . -2.42 8.81 -7.38
H15 P8X B . -10.16 12.77 -11.66
H18 P8X B . -9.01 15.75 -8.85
H19 P8X B . -9.89 13.55 -6.92
H42 P8X B . -2.55 8.19 -9.88
H42A P8X B . -2.81 9.88 -10.18
HO29 P8X B . -9.09 15.38 -1.69
H3 P8X B . -6.44 13.30 -3.96
HO34 P8X B . -2.41 17.42 -3.03
H54 P8X B . -12.68 14.99 -8.93
H64 P8X B . -12.11 11.66 -10.84
H54A P8X B . -12.56 13.42 -9.68
H64A P8X B . -11.09 10.42 -11.54
H54B P8X B . -12.06 13.65 -8.02
H64B P8X B . -11.09 10.61 -9.83
HO45 P8X B . 0.76 9.04 -10.10
H25 P8X B . -7.53 16.35 -4.29
H55 P8X B . -11.48 14.89 -11.42
HO52 P8X B . -10.02 7.28 -14.82
H25A P8X B . -6.54 16.44 -5.69
H55A P8X B . -11.10 16.29 -10.50
H25B P8X B . -8.23 16.53 -5.88
HO59 P8X B . -10.10 14.64 -14.58
H26 P8X B . -9.73 14.51 -4.92
H36 P8X B . -4.69 8.46 -4.50
H46 P8X B . -5.04 10.76 -12.78
H56 P8X B . -8.87 16.34 -11.11
H26A P8X B . -9.00 12.94 -4.82
H36A P8X B . -3.70 7.48 -5.56
H46A P8X B . -6.25 11.39 -13.91
H56A P8X B . -8.66 14.65 -11.19
HO63 P8X B . -9.95 18.87 -8.84
H36B P8X B . -3.40 9.21 -5.35
H46B P8X B . -6.09 12.08 -12.33
H37 P8X B . -6.85 7.65 -7.56
H47 P8X B . -6.90 8.87 -13.99
H37A P8X B . -5.76 6.62 -6.71
H47A P8X B . -6.12 8.21 -12.59
H47B P8X B . -7.85 8.17 -12.71
H48 P8X B . -9.92 11.92 -13.57
H48A P8X B . -8.34 12.25 -14.10
H49 P8X B . -9.70 10.85 -15.67
H49A P8X B . -8.16 10.19 -15.31
H21 P8X B . -7.20 12.07 -7.75
H40 P8X B . -8.62 8.54 -4.65
S SO4 C . -11.96 26.93 -18.79
O1 SO4 C . -12.33 27.24 -20.18
O2 SO4 C . -13.12 26.47 -18.11
O3 SO4 C . -10.89 25.88 -18.79
O4 SO4 C . -11.49 28.16 -18.19
#